data_6QA5
#
_entry.id   6QA5
#
_cell.length_a   48.776
_cell.length_b   70.520
_cell.length_c   173.499
_cell.angle_alpha   90.00
_cell.angle_beta   90.00
_cell.angle_gamma   90.00
#
_symmetry.space_group_name_H-M   'P 21 21 21'
#
loop_
_entity.id
_entity.type
_entity.pdbx_description
1 polymer 'Aspartyl/asparaginyl beta-hydroxylase'
2 non-polymer 'ACETATE ION'
3 non-polymer 'TETRAETHYLENE GLYCOL'
4 water water
#
_entity_poly.entity_id   1
_entity_poly.type   'polypeptide(L)'
_entity_poly.pdbx_seq_one_letter_code
;KPKLLNKFDKTIKAELDAAEKLRKRGKIEEAVNAFKELVRKYPQSPRARYGKAQCEDDLAEKRRSNEVLRGAIETYQEVA
SLPDVPADLLKLSLKRRSDRQQFLGHMRGSLLTLQRLVQLFPNDTSLKNDLGVGYLLIGDNDNAKKVYEEVLSVTPNDGF
AKVHYGFILKAQNKIAESIPYLKEGIESGDPGTDDGRFYFHLGDAMQRVGNKEAYKWYELGHKRGHFASVWQRSLYNVNG
LKAQPWWTPKETGYTELVKSLERNWKLIRDEGLAVMDKAKGLFLPEDENLREKGDWSQFTLWQQGRRNENACKGAPKTCT
LLEKFPETTGCRRGQIKYSIMHPGTHVWPATGPTNCRLRMHLGLVIPKEGCKIRCANETKTWEEGKVLIFDDSFEHEVWQ
DASSFRLIFIVDVWHPELTPQQRRSLPAI
;
_entity_poly.pdbx_strand_id   A
#
# COMPACT_ATOMS: atom_id res chain seq x y z
N LYS A 1 -29.86 -11.33 16.66
CA LYS A 1 -30.37 -10.86 15.37
C LYS A 1 -30.61 -9.35 15.41
N PRO A 2 -30.78 -8.74 14.24
CA PRO A 2 -30.97 -7.28 14.19
C PRO A 2 -32.44 -6.89 14.12
N LYS A 3 -32.82 -5.79 14.77
CA LYS A 3 -34.21 -5.31 14.76
C LYS A 3 -34.27 -4.00 13.97
N LEU A 4 -34.81 -4.07 12.74
CA LEU A 4 -34.84 -2.93 11.85
C LEU A 4 -36.22 -2.28 11.71
N LEU A 5 -37.28 -2.99 12.10
CA LEU A 5 -38.65 -2.54 11.81
C LEU A 5 -39.20 -1.75 13.00
N ASN A 6 -39.31 -0.43 12.83
CA ASN A 6 -40.03 0.44 13.74
C ASN A 6 -41.45 -0.06 13.94
N LYS A 7 -42.16 0.46 14.95
CA LYS A 7 -43.55 0.04 15.16
C LYS A 7 -44.37 0.19 13.89
N PHE A 8 -44.35 1.39 13.32
CA PHE A 8 -44.96 1.63 12.01
C PHE A 8 -44.46 0.59 11.01
N ASP A 9 -43.15 0.54 10.83
CA ASP A 9 -42.49 -0.47 10.02
C ASP A 9 -43.08 -1.86 10.24
N LYS A 10 -43.28 -2.23 11.51
CA LYS A 10 -43.90 -3.51 11.80
C LYS A 10 -45.30 -3.59 11.20
N THR A 11 -46.04 -2.48 11.23
CA THR A 11 -47.37 -2.45 10.62
C THR A 11 -47.30 -2.74 9.12
N ILE A 12 -46.45 -2.01 8.40
CA ILE A 12 -46.34 -2.16 6.95
C ILE A 12 -45.25 -3.16 6.59
N LYS A 13 -44.88 -4.00 7.55
CA LYS A 13 -43.85 -5.03 7.30
C LYS A 13 -44.16 -5.86 6.08
N ALA A 14 -45.45 -6.07 5.80
CA ALA A 14 -45.84 -6.92 4.67
C ALA A 14 -45.30 -6.37 3.36
N GLU A 15 -45.59 -5.11 3.07
CA GLU A 15 -45.10 -4.49 1.83
C GLU A 15 -43.57 -4.45 1.79
N LEU A 16 -42.95 -4.16 2.94
CA LEU A 16 -41.51 -3.95 2.97
C LEU A 16 -40.76 -5.23 2.67
N ASP A 17 -41.15 -6.35 3.30
CA ASP A 17 -40.47 -7.60 3.05
C ASP A 17 -40.61 -8.03 1.60
N ALA A 18 -41.74 -7.68 0.97
CA ALA A 18 -41.92 -7.94 -0.45
C ALA A 18 -40.88 -7.19 -1.28
N ALA A 19 -40.80 -5.87 -1.09
CA ALA A 19 -39.82 -5.10 -1.85
C ALA A 19 -38.39 -5.58 -1.56
N GLU A 20 -38.11 -5.91 -0.31
CA GLU A 20 -36.77 -6.36 0.06
C GLU A 20 -36.44 -7.70 -0.57
N LYS A 21 -37.43 -8.59 -0.70
CA LYS A 21 -37.20 -9.84 -1.42
C LYS A 21 -36.99 -9.59 -2.91
N LEU A 22 -37.75 -8.65 -3.47
CA LEU A 22 -37.49 -8.22 -4.84
C LEU A 22 -36.02 -7.87 -5.01
N ARG A 23 -35.45 -7.18 -4.04
CA ARG A 23 -34.01 -6.89 -4.06
C ARG A 23 -33.19 -8.17 -3.84
N LYS A 24 -33.36 -8.79 -2.67
CA LYS A 24 -32.70 -10.04 -2.28
C LYS A 24 -32.72 -11.02 -3.44
N ARG A 25 -33.83 -11.01 -4.20
CA ARG A 25 -33.90 -11.78 -5.43
C ARG A 25 -32.70 -11.52 -6.32
N GLY A 26 -32.15 -10.30 -6.26
CA GLY A 26 -31.12 -9.88 -7.18
C GLY A 26 -31.61 -9.12 -8.39
N LYS A 27 -32.92 -8.86 -8.48
CA LYS A 27 -33.50 -8.09 -9.58
C LYS A 27 -33.47 -6.62 -9.19
N ILE A 28 -32.45 -5.89 -9.66
CA ILE A 28 -32.14 -4.58 -9.10
C ILE A 28 -33.16 -3.55 -9.56
N GLU A 29 -33.40 -3.46 -10.87
CA GLU A 29 -34.37 -2.48 -11.37
C GLU A 29 -35.71 -2.64 -10.67
N GLU A 30 -36.17 -3.89 -10.56
CA GLU A 30 -37.44 -4.17 -9.89
C GLU A 30 -37.41 -3.67 -8.46
N ALA A 31 -36.36 -4.00 -7.71
CA ALA A 31 -36.28 -3.60 -6.31
C ALA A 31 -36.26 -2.09 -6.16
N VAL A 32 -35.50 -1.41 -7.03
CA VAL A 32 -35.42 0.04 -6.97
C VAL A 32 -36.81 0.65 -7.09
N ASN A 33 -37.51 0.34 -8.18
CA ASN A 33 -38.82 0.99 -8.37
C ASN A 33 -39.83 0.52 -7.33
N ALA A 34 -39.83 -0.78 -6.99
CA ALA A 34 -40.61 -1.27 -5.88
C ALA A 34 -40.45 -0.37 -4.67
N PHE A 35 -39.23 -0.29 -4.14
CA PHE A 35 -38.95 0.49 -2.93
C PHE A 35 -39.31 1.96 -3.11
N LYS A 36 -39.05 2.52 -4.31
CA LYS A 36 -39.35 3.92 -4.55
C LYS A 36 -40.83 4.21 -4.39
N GLU A 37 -41.68 3.31 -4.86
CA GLU A 37 -43.12 3.52 -4.72
C GLU A 37 -43.58 3.44 -3.27
N LEU A 38 -42.92 2.61 -2.46
CA LEU A 38 -43.21 2.63 -1.03
C LEU A 38 -42.81 3.96 -0.40
N VAL A 39 -41.61 4.45 -0.73
CA VAL A 39 -41.19 5.76 -0.24
C VAL A 39 -42.27 6.80 -0.55
N ARG A 40 -42.78 6.77 -1.78
CA ARG A 40 -43.83 7.71 -2.15
C ARG A 40 -45.10 7.50 -1.32
N LYS A 41 -45.53 6.24 -1.20
CA LYS A 41 -46.80 5.94 -0.52
C LYS A 41 -46.70 6.24 0.98
N TYR A 42 -45.78 5.58 1.66
CA TYR A 42 -45.50 5.87 3.08
C TYR A 42 -44.15 6.55 3.18
N PRO A 43 -44.10 7.88 3.30
CA PRO A 43 -42.82 8.60 3.24
C PRO A 43 -42.07 8.71 4.56
N GLN A 44 -42.66 8.26 5.66
CA GLN A 44 -42.03 8.35 6.97
C GLN A 44 -41.35 7.06 7.39
N SER A 45 -41.35 6.05 6.54
CA SER A 45 -40.84 4.74 6.93
C SER A 45 -39.32 4.76 6.97
N PRO A 46 -38.70 4.32 8.06
CA PRO A 46 -37.24 4.16 8.05
C PRO A 46 -36.76 3.02 7.17
N ARG A 47 -37.43 1.86 7.22
CA ARG A 47 -37.00 0.71 6.43
C ARG A 47 -37.30 0.89 4.94
N ALA A 48 -38.38 1.62 4.60
CA ALA A 48 -38.61 1.94 3.20
C ALA A 48 -37.45 2.74 2.63
N ARG A 49 -37.05 3.80 3.34
CA ARG A 49 -35.93 4.62 2.90
C ARG A 49 -34.64 3.82 2.86
N TYR A 50 -34.40 3.00 3.89
CA TYR A 50 -33.20 2.19 3.95
C TYR A 50 -33.13 1.24 2.77
N GLY A 51 -34.27 0.68 2.36
CA GLY A 51 -34.28 -0.17 1.19
C GLY A 51 -34.02 0.60 -0.08
N LYS A 52 -34.63 1.78 -0.23
CA LYS A 52 -34.31 2.61 -1.37
C LYS A 52 -32.80 2.79 -1.47
N ALA A 53 -32.16 3.23 -0.37
CA ALA A 53 -30.72 3.47 -0.37
C ALA A 53 -29.95 2.20 -0.70
N GLN A 54 -30.34 1.06 -0.12
CA GLN A 54 -29.65 -0.20 -0.39
C GLN A 54 -29.68 -0.53 -1.88
N CYS A 55 -30.85 -0.29 -2.50
CA CYS A 55 -30.98 -0.55 -3.93
C CYS A 55 -30.11 0.39 -4.74
N GLU A 56 -30.08 1.68 -4.36
CA GLU A 56 -29.19 2.63 -5.04
C GLU A 56 -27.75 2.16 -4.95
N ASP A 57 -27.34 1.68 -3.77
CA ASP A 57 -25.99 1.19 -3.57
C ASP A 57 -25.68 0.03 -4.51
N ASP A 58 -26.60 -0.93 -4.60
CA ASP A 58 -26.40 -2.08 -5.47
C ASP A 58 -26.38 -1.66 -6.94
N LEU A 59 -27.26 -0.73 -7.33
CA LEU A 59 -27.23 -0.24 -8.71
C LEU A 59 -25.92 0.44 -9.02
N ALA A 60 -25.31 1.11 -8.03
CA ALA A 60 -24.01 1.73 -8.24
C ALA A 60 -22.92 0.67 -8.47
N GLU A 61 -22.89 -0.36 -7.63
CA GLU A 61 -21.90 -1.42 -7.85
C GLU A 61 -22.14 -2.12 -9.18
N LYS A 62 -23.40 -2.25 -9.60
CA LYS A 62 -23.71 -2.90 -10.87
C LYS A 62 -23.24 -2.06 -12.05
N ARG A 63 -23.51 -0.76 -12.01
CA ARG A 63 -23.19 0.14 -13.12
C ARG A 63 -21.81 0.77 -12.99
N ARG A 64 -21.03 0.38 -11.98
CA ARG A 64 -19.72 0.98 -11.74
C ARG A 64 -19.81 2.50 -11.86
N SER A 65 -20.80 3.06 -11.15
CA SER A 65 -21.17 4.46 -11.29
C SER A 65 -20.96 5.18 -9.96
N ASN A 66 -20.16 6.25 -9.98
CA ASN A 66 -20.01 7.09 -8.80
C ASN A 66 -21.22 7.98 -8.59
N GLU A 67 -21.80 8.50 -9.67
CA GLU A 67 -22.91 9.45 -9.56
C GLU A 67 -24.13 8.81 -8.91
N VAL A 68 -24.32 7.50 -9.09
CA VAL A 68 -25.42 6.79 -8.45
C VAL A 68 -25.09 6.57 -6.97
N LEU A 69 -23.85 6.17 -6.69
CA LEU A 69 -23.41 5.97 -5.32
C LEU A 69 -23.61 7.23 -4.50
N ARG A 70 -23.37 8.39 -5.10
CA ARG A 70 -23.54 9.64 -4.38
C ARG A 70 -25.00 9.83 -3.95
N GLY A 71 -25.95 9.40 -4.77
CA GLY A 71 -27.35 9.48 -4.37
C GLY A 71 -27.66 8.50 -3.25
N ALA A 72 -27.10 7.29 -3.34
CA ALA A 72 -27.26 6.35 -2.24
C ALA A 72 -26.77 6.94 -0.91
N ILE A 73 -25.66 7.66 -0.95
CA ILE A 73 -25.11 8.24 0.28
C ILE A 73 -26.12 9.18 0.94
N GLU A 74 -26.76 10.03 0.14
CA GLU A 74 -27.76 10.93 0.71
C GLU A 74 -28.97 10.14 1.22
N THR A 75 -29.36 9.07 0.54
CA THR A 75 -30.56 8.34 0.99
C THR A 75 -30.30 7.60 2.29
N TYR A 76 -29.09 7.05 2.45
CA TYR A 76 -28.68 6.54 3.76
C TYR A 76 -28.77 7.63 4.81
N GLN A 77 -28.30 8.83 4.47
CA GLN A 77 -28.45 9.97 5.37
C GLN A 77 -29.93 10.27 5.65
N GLU A 78 -30.78 10.12 4.65
CA GLU A 78 -32.20 10.40 4.81
C GLU A 78 -32.81 9.51 5.88
N VAL A 79 -32.48 8.21 5.82
CA VAL A 79 -33.00 7.27 6.81
C VAL A 79 -32.83 7.83 8.23
N ALA A 80 -31.66 8.39 8.51
CA ALA A 80 -31.38 8.93 9.85
C ALA A 80 -32.22 10.15 10.18
N SER A 81 -32.90 10.73 9.20
CA SER A 81 -33.69 11.94 9.44
C SER A 81 -35.06 11.61 10.01
N LEU A 82 -35.67 10.50 9.59
CA LEU A 82 -37.04 10.17 9.95
C LEU A 82 -37.17 9.95 11.45
N PRO A 83 -38.36 10.10 12.01
CA PRO A 83 -38.52 10.02 13.46
C PRO A 83 -38.72 8.58 13.94
N ASP A 84 -38.38 8.36 15.21
CA ASP A 84 -38.51 7.06 15.84
C ASP A 84 -37.92 5.96 14.93
N VAL A 85 -36.60 5.96 14.88
CA VAL A 85 -35.83 5.06 14.02
C VAL A 85 -35.16 4.00 14.88
N PRO A 86 -35.30 2.72 14.56
CA PRO A 86 -34.61 1.70 15.35
C PRO A 86 -33.10 1.92 15.36
N ALA A 87 -32.49 1.78 16.54
CA ALA A 87 -31.07 2.05 16.68
C ALA A 87 -30.23 1.13 15.81
N ASP A 88 -30.55 -0.17 15.80
CA ASP A 88 -29.86 -1.11 14.91
C ASP A 88 -29.81 -0.57 13.49
N LEU A 89 -30.98 -0.17 12.98
CA LEU A 89 -31.10 0.31 11.61
C LEU A 89 -30.28 1.58 11.39
N LEU A 90 -30.38 2.52 12.33
CA LEU A 90 -29.61 3.75 12.27
C LEU A 90 -28.12 3.47 12.13
N LYS A 91 -27.60 2.65 13.04
CA LYS A 91 -26.20 2.22 12.99
C LYS A 91 -25.86 1.69 11.60
N LEU A 92 -26.69 0.76 11.10
CA LEU A 92 -26.40 0.15 9.80
C LEU A 92 -26.29 1.21 8.71
N SER A 93 -27.28 2.10 8.65
CA SER A 93 -27.37 3.04 7.53
C SER A 93 -26.21 4.04 7.56
N LEU A 94 -25.95 4.64 8.73
CA LEU A 94 -24.89 5.65 8.78
C LEU A 94 -23.51 5.01 8.62
N LYS A 95 -23.30 3.80 9.13
CA LYS A 95 -22.04 3.11 8.88
C LYS A 95 -21.84 2.87 7.39
N ARG A 96 -22.87 2.39 6.70
CA ARG A 96 -22.74 2.16 5.27
C ARG A 96 -22.45 3.46 4.55
N ARG A 97 -23.10 4.55 4.97
CA ARG A 97 -22.83 5.85 4.37
C ARG A 97 -21.36 6.22 4.53
N SER A 98 -20.82 6.05 5.74
CA SER A 98 -19.42 6.38 5.98
C SER A 98 -18.50 5.56 5.09
N ASP A 99 -18.79 4.25 4.96
CA ASP A 99 -17.96 3.39 4.12
C ASP A 99 -18.03 3.82 2.66
N ARG A 100 -19.22 4.18 2.17
CA ARG A 100 -19.34 4.62 0.78
C ARG A 100 -18.64 5.96 0.56
N GLN A 101 -18.77 6.89 1.52
CA GLN A 101 -18.04 8.14 1.43
C GLN A 101 -16.54 7.89 1.35
N GLN A 102 -16.01 7.10 2.29
CA GLN A 102 -14.59 6.73 2.25
C GLN A 102 -14.23 6.17 0.89
N PHE A 103 -15.10 5.34 0.32
CA PHE A 103 -14.84 4.75 -0.99
C PHE A 103 -14.67 5.83 -2.05
N LEU A 104 -15.56 6.83 -2.05
CA LEU A 104 -15.47 7.91 -3.02
C LEU A 104 -14.36 8.91 -2.71
N GLY A 105 -13.68 8.76 -1.58
CA GLY A 105 -12.61 9.67 -1.21
C GLY A 105 -13.02 10.84 -0.36
N HIS A 106 -14.28 10.92 0.07
CA HIS A 106 -14.75 12.00 0.92
C HIS A 106 -14.35 11.70 2.37
N MET A 107 -13.04 11.71 2.59
CA MET A 107 -12.53 11.22 3.88
C MET A 107 -13.03 12.08 5.04
N ARG A 108 -13.04 13.41 4.87
CA ARG A 108 -13.54 14.25 5.96
C ARG A 108 -15.06 14.14 6.10
N GLY A 109 -15.78 13.95 4.99
CA GLY A 109 -17.21 13.68 5.09
C GLY A 109 -17.50 12.39 5.83
N SER A 110 -16.70 11.35 5.57
CA SER A 110 -16.82 10.12 6.35
C SER A 110 -16.54 10.37 7.81
N LEU A 111 -15.49 11.15 8.11
CA LEU A 111 -15.18 11.45 9.49
C LEU A 111 -16.36 12.11 10.18
N LEU A 112 -17.08 12.97 9.46
CA LEU A 112 -18.26 13.60 10.04
C LEU A 112 -19.34 12.58 10.36
N THR A 113 -19.64 11.71 9.39
CA THR A 113 -20.62 10.65 9.65
C THR A 113 -20.22 9.82 10.88
N LEU A 114 -18.92 9.52 10.99
CA LEU A 114 -18.42 8.72 12.11
C LEU A 114 -18.54 9.45 13.44
N GLN A 115 -18.20 10.74 13.47
CA GLN A 115 -18.38 11.53 14.68
C GLN A 115 -19.83 11.49 15.14
N ARG A 116 -20.75 11.65 14.18
CA ARG A 116 -22.17 11.58 14.52
C ARG A 116 -22.51 10.22 15.13
N LEU A 117 -22.05 9.14 14.51
CA LEU A 117 -22.31 7.80 15.05
C LEU A 117 -21.83 7.69 16.49
N VAL A 118 -20.67 8.27 16.81
CA VAL A 118 -20.20 8.20 18.20
C VAL A 118 -21.09 9.02 19.12
N GLN A 119 -21.57 10.18 18.65
CA GLN A 119 -22.54 10.94 19.44
C GLN A 119 -23.78 10.11 19.72
N LEU A 120 -24.27 9.39 18.71
CA LEU A 120 -25.49 8.60 18.86
C LEU A 120 -25.29 7.42 19.81
N PHE A 121 -24.19 6.68 19.65
CA PHE A 121 -23.96 5.44 20.36
C PHE A 121 -22.65 5.56 21.13
N PRO A 122 -22.63 6.29 22.25
CA PRO A 122 -21.37 6.54 22.94
C PRO A 122 -20.71 5.29 23.49
N ASN A 123 -21.46 4.20 23.61
CA ASN A 123 -20.96 2.99 24.27
C ASN A 123 -20.59 1.89 23.29
N ASP A 124 -20.85 2.08 22.00
CA ASP A 124 -20.40 1.15 20.96
C ASP A 124 -18.94 1.44 20.68
N THR A 125 -18.05 0.56 21.15
CA THR A 125 -16.62 0.77 20.96
C THR A 125 -16.19 0.48 19.52
N SER A 126 -16.90 -0.42 18.84
CA SER A 126 -16.61 -0.65 17.43
C SER A 126 -16.68 0.65 16.63
N LEU A 127 -17.67 1.49 16.96
CA LEU A 127 -17.83 2.75 16.26
C LEU A 127 -16.72 3.73 16.64
N LYS A 128 -16.22 3.67 17.88
CA LYS A 128 -15.06 4.48 18.22
C LYS A 128 -13.84 4.04 17.42
N ASN A 129 -13.66 2.73 17.26
CA ASN A 129 -12.56 2.23 16.43
C ASN A 129 -12.70 2.72 14.98
N ASP A 130 -13.93 2.71 14.46
CA ASP A 130 -14.17 3.21 13.11
C ASP A 130 -13.86 4.70 13.02
N LEU A 131 -14.29 5.49 14.01
CA LEU A 131 -13.93 6.91 14.07
C LEU A 131 -12.42 7.09 14.06
N GLY A 132 -11.71 6.25 14.81
CA GLY A 132 -10.26 6.34 14.82
C GLY A 132 -9.67 6.15 13.44
N VAL A 133 -10.21 5.19 12.68
CA VAL A 133 -9.77 5.04 11.30
C VAL A 133 -10.13 6.29 10.49
N GLY A 134 -11.30 6.86 10.75
CA GLY A 134 -11.65 8.09 10.06
C GLY A 134 -10.59 9.17 10.23
N TYR A 135 -10.13 9.35 11.48
CA TYR A 135 -9.08 10.32 11.75
C TYR A 135 -7.78 9.96 11.03
N LEU A 136 -7.39 8.67 11.08
CA LEU A 136 -6.20 8.27 10.33
C LEU A 136 -6.33 8.63 8.86
N LEU A 137 -7.51 8.44 8.28
CA LEU A 137 -7.70 8.65 6.86
C LEU A 137 -7.58 10.11 6.44
N ILE A 138 -7.59 11.05 7.38
CA ILE A 138 -7.34 12.45 7.07
C ILE A 138 -6.00 12.92 7.62
N GLY A 139 -5.17 12.00 8.09
CA GLY A 139 -3.87 12.35 8.62
C GLY A 139 -3.87 12.87 10.05
N ASP A 140 -5.03 12.91 10.70
CA ASP A 140 -5.13 13.44 12.06
C ASP A 140 -4.78 12.33 13.06
N ASN A 141 -3.47 12.05 13.12
CA ASN A 141 -2.98 10.97 13.97
C ASN A 141 -3.12 11.27 15.45
N ASP A 142 -3.09 12.54 15.84
CA ASP A 142 -3.20 12.89 17.26
C ASP A 142 -4.60 12.57 17.79
N ASN A 143 -5.64 12.91 17.02
CA ASN A 143 -7.00 12.58 17.46
C ASN A 143 -7.25 11.08 17.40
N ALA A 144 -6.68 10.39 16.41
CA ALA A 144 -6.81 8.93 16.36
C ALA A 144 -6.18 8.32 17.61
N LYS A 145 -4.99 8.79 17.97
CA LYS A 145 -4.35 8.33 19.20
C LYS A 145 -5.28 8.50 20.38
N LYS A 146 -5.92 9.66 20.48
CA LYS A 146 -6.83 9.89 21.61
C LYS A 146 -8.01 8.92 21.58
N VAL A 147 -8.59 8.68 20.39
CA VAL A 147 -9.72 7.76 20.30
C VAL A 147 -9.32 6.38 20.81
N TYR A 148 -8.16 5.89 20.37
CA TYR A 148 -7.76 4.53 20.74
C TYR A 148 -7.35 4.45 22.20
N GLU A 149 -6.78 5.52 22.75
CA GLU A 149 -6.52 5.56 24.18
C GLU A 149 -7.81 5.49 24.98
N GLU A 150 -8.85 6.21 24.54
CA GLU A 150 -10.16 6.05 25.14
C GLU A 150 -10.59 4.59 25.13
N VAL A 151 -10.68 4.01 23.93
CA VAL A 151 -11.16 2.63 23.78
C VAL A 151 -10.41 1.71 24.73
N LEU A 152 -9.08 1.85 24.79
CA LEU A 152 -8.25 0.93 25.55
C LEU A 152 -8.37 1.16 27.05
N SER A 153 -8.77 2.36 27.50
CA SER A 153 -9.00 2.55 28.93
C SER A 153 -10.22 1.78 29.41
N VAL A 154 -11.20 1.57 28.53
CA VAL A 154 -12.45 0.92 28.87
C VAL A 154 -12.43 -0.56 28.52
N THR A 155 -11.79 -0.91 27.41
CA THR A 155 -11.67 -2.28 26.94
C THR A 155 -10.20 -2.51 26.62
N PRO A 156 -9.40 -2.90 27.62
CA PRO A 156 -7.93 -2.88 27.42
C PRO A 156 -7.43 -3.91 26.44
N ASN A 157 -8.17 -4.98 26.21
CA ASN A 157 -7.70 -6.09 25.38
C ASN A 157 -8.33 -6.10 23.99
N ASP A 158 -8.90 -4.98 23.55
CA ASP A 158 -9.44 -4.89 22.21
C ASP A 158 -8.31 -4.87 21.19
N GLY A 159 -8.26 -5.90 20.34
CA GLY A 159 -7.13 -6.03 19.44
C GLY A 159 -7.09 -4.99 18.34
N PHE A 160 -8.25 -4.64 17.79
CA PHE A 160 -8.31 -3.61 16.75
C PHE A 160 -7.65 -2.32 17.23
N ALA A 161 -8.07 -1.83 18.39
CA ALA A 161 -7.47 -0.65 18.98
C ALA A 161 -6.00 -0.84 19.22
N LYS A 162 -5.59 -2.04 19.61
CA LYS A 162 -4.18 -2.28 19.90
C LYS A 162 -3.33 -2.16 18.65
N VAL A 163 -3.74 -2.79 17.55
CA VAL A 163 -2.91 -2.73 16.35
C VAL A 163 -2.88 -1.32 15.80
N HIS A 164 -4.03 -0.63 15.80
CA HIS A 164 -4.01 0.75 15.28
C HIS A 164 -3.17 1.66 16.18
N TYR A 165 -3.27 1.48 17.50
CA TYR A 165 -2.47 2.28 18.42
C TYR A 165 -0.98 2.02 18.24
N GLY A 166 -0.59 0.76 18.03
CA GLY A 166 0.79 0.48 17.73
C GLY A 166 1.24 1.14 16.44
N PHE A 167 0.39 1.09 15.41
CA PHE A 167 0.71 1.80 14.17
C PHE A 167 0.98 3.27 14.42
N ILE A 168 0.14 3.89 15.25
CA ILE A 168 0.30 5.31 15.57
C ILE A 168 1.61 5.55 16.29
N LEU A 169 1.90 4.74 17.30
CA LEU A 169 3.16 4.91 18.03
C LEU A 169 4.34 4.80 17.08
N LYS A 170 4.32 3.82 16.18
CA LYS A 170 5.42 3.62 15.26
C LYS A 170 5.55 4.80 14.30
N ALA A 171 4.44 5.42 13.92
CA ALA A 171 4.50 6.61 13.10
C ALA A 171 4.97 7.83 13.88
N GLN A 172 4.95 7.78 15.21
CA GLN A 172 5.51 8.84 16.03
C GLN A 172 6.95 8.60 16.42
N ASN A 173 7.59 7.59 15.84
CA ASN A 173 8.93 7.16 16.15
C ASN A 173 9.06 6.49 17.52
N LYS A 174 7.94 6.06 18.10
CA LYS A 174 7.98 5.17 19.25
C LYS A 174 7.89 3.72 18.75
N ILE A 175 9.00 3.29 18.15
CA ILE A 175 9.05 2.01 17.46
C ILE A 175 9.10 0.85 18.46
N ALA A 176 9.88 1.01 19.54
CA ALA A 176 9.97 -0.05 20.54
C ALA A 176 8.65 -0.21 21.29
N GLU A 177 8.01 0.90 21.64
CA GLU A 177 6.74 0.85 22.33
C GLU A 177 5.63 0.26 21.47
N SER A 178 5.74 0.39 20.15
CA SER A 178 4.67 -0.07 19.26
C SER A 178 4.65 -1.59 19.10
N ILE A 179 5.80 -2.24 19.32
CA ILE A 179 5.89 -3.66 19.04
C ILE A 179 4.92 -4.49 19.89
N PRO A 180 4.87 -4.34 21.21
CA PRO A 180 3.89 -5.13 21.99
C PRO A 180 2.44 -4.88 21.59
N TYR A 181 2.06 -3.63 21.27
CA TYR A 181 0.69 -3.38 20.87
C TYR A 181 0.36 -4.12 19.58
N LEU A 182 1.22 -4.02 18.58
CA LEU A 182 1.03 -4.75 17.33
C LEU A 182 0.95 -6.25 17.59
N LYS A 183 1.87 -6.78 18.39
CA LYS A 183 1.89 -8.20 18.67
C LYS A 183 0.60 -8.65 19.35
N GLU A 184 0.24 -8.00 20.45
CA GLU A 184 -0.95 -8.38 21.20
C GLU A 184 -2.21 -8.28 20.35
N GLY A 185 -2.36 -7.20 19.58
CA GLY A 185 -3.53 -7.06 18.75
C GLY A 185 -3.63 -8.14 17.69
N ILE A 186 -2.51 -8.42 17.01
CA ILE A 186 -2.52 -9.50 16.03
C ILE A 186 -2.87 -10.82 16.73
N GLU A 187 -2.33 -11.02 17.93
CA GLU A 187 -2.49 -12.27 18.66
C GLU A 187 -3.91 -12.45 19.18
N SER A 188 -4.65 -11.36 19.38
CA SER A 188 -6.01 -11.46 19.85
C SER A 188 -6.92 -12.16 18.84
N GLY A 189 -6.55 -12.11 17.56
CA GLY A 189 -7.42 -12.65 16.53
C GLY A 189 -8.63 -11.82 16.21
N ASP A 190 -8.77 -10.63 16.79
CA ASP A 190 -10.00 -9.88 16.68
C ASP A 190 -10.24 -9.42 15.24
N PRO A 191 -11.50 -9.22 14.87
CA PRO A 191 -11.81 -8.74 13.52
C PRO A 191 -11.05 -7.47 13.19
N GLY A 192 -10.46 -7.43 12.00
CA GLY A 192 -9.71 -6.29 11.55
C GLY A 192 -8.24 -6.33 11.90
N THR A 193 -7.78 -7.33 12.64
CA THR A 193 -6.38 -7.43 12.98
C THR A 193 -5.59 -8.33 12.05
N ASP A 194 -6.26 -9.22 11.31
CA ASP A 194 -5.57 -10.10 10.37
C ASP A 194 -5.36 -9.34 9.06
N ASP A 195 -4.48 -8.34 9.15
CA ASP A 195 -4.22 -7.39 8.08
C ASP A 195 -2.74 -7.38 7.76
N GLY A 196 -2.40 -7.60 6.50
CA GLY A 196 -1.00 -7.63 6.11
C GLY A 196 -0.23 -6.40 6.55
N ARG A 197 -0.91 -5.26 6.68
CA ARG A 197 -0.26 -4.02 7.03
C ARG A 197 0.33 -4.06 8.43
N PHE A 198 -0.37 -4.70 9.36
CA PHE A 198 0.14 -4.78 10.73
C PHE A 198 1.28 -5.76 10.85
N TYR A 199 1.27 -6.86 10.08
CA TYR A 199 2.44 -7.72 10.02
C TYR A 199 3.64 -6.97 9.44
N PHE A 200 3.41 -6.22 8.36
CA PHE A 200 4.48 -5.42 7.76
C PHE A 200 5.09 -4.49 8.80
N HIS A 201 4.25 -3.76 9.53
CA HIS A 201 4.77 -2.76 10.46
C HIS A 201 5.43 -3.41 11.67
N LEU A 202 4.84 -4.51 12.17
CA LEU A 202 5.47 -5.25 13.25
C LEU A 202 6.87 -5.71 12.86
N GLY A 203 6.99 -6.33 11.68
CA GLY A 203 8.29 -6.81 11.24
C GLY A 203 9.28 -5.70 11.01
N ASP A 204 8.84 -4.60 10.40
CA ASP A 204 9.73 -3.46 10.15
C ASP A 204 10.24 -2.89 11.47
N ALA A 205 9.33 -2.66 12.42
CA ALA A 205 9.72 -2.19 13.75
C ALA A 205 10.73 -3.13 14.40
N MET A 206 10.38 -4.41 14.49
CA MET A 206 11.28 -5.39 15.09
C MET A 206 12.66 -5.32 14.45
N GLN A 207 12.70 -5.29 13.12
CA GLN A 207 14.00 -5.24 12.44
C GLN A 207 14.76 -3.97 12.82
N ARG A 208 14.05 -2.84 12.96
CA ARG A 208 14.72 -1.60 13.30
C ARG A 208 15.18 -1.54 14.75
N VAL A 209 14.74 -2.45 15.61
CA VAL A 209 15.28 -2.51 16.97
C VAL A 209 16.15 -3.74 17.16
N GLY A 210 16.58 -4.38 16.07
CA GLY A 210 17.35 -5.60 16.16
C GLY A 210 16.66 -6.66 17.00
N ASN A 211 15.46 -7.05 16.59
CA ASN A 211 14.71 -8.12 17.22
C ASN A 211 14.61 -9.25 16.21
N LYS A 212 15.35 -10.35 16.45
CA LYS A 212 15.44 -11.40 15.45
C LYS A 212 14.09 -12.08 15.21
N GLU A 213 13.12 -11.86 16.10
CA GLU A 213 11.80 -12.47 16.00
C GLU A 213 11.04 -12.05 14.74
N ALA A 214 11.50 -11.01 14.05
CA ALA A 214 10.73 -10.44 12.95
C ALA A 214 10.40 -11.50 11.89
N TYR A 215 11.38 -12.32 11.53
CA TYR A 215 11.14 -13.31 10.48
C TYR A 215 10.03 -14.27 10.89
N LYS A 216 9.98 -14.65 12.16
CA LYS A 216 8.85 -15.44 12.65
C LYS A 216 7.54 -14.79 12.23
N TRP A 217 7.39 -13.51 12.54
CA TRP A 217 6.15 -12.82 12.19
C TRP A 217 5.97 -12.74 10.69
N TYR A 218 7.05 -12.49 9.94
CA TYR A 218 6.92 -12.52 8.49
C TYR A 218 6.37 -13.88 8.05
N GLU A 219 6.94 -14.95 8.61
CA GLU A 219 6.46 -16.29 8.27
C GLU A 219 4.98 -16.43 8.61
N LEU A 220 4.57 -15.96 9.80
CA LEU A 220 3.16 -16.02 10.14
C LEU A 220 2.33 -15.32 9.07
N GLY A 221 2.74 -14.11 8.70
CA GLY A 221 2.00 -13.36 7.71
C GLY A 221 1.92 -14.11 6.39
N HIS A 222 2.98 -14.81 6.04
CA HIS A 222 2.93 -15.63 4.83
C HIS A 222 1.88 -16.72 4.99
N LYS A 223 1.87 -17.40 6.14
CA LYS A 223 0.90 -18.46 6.38
C LYS A 223 -0.53 -17.91 6.39
N ARG A 224 -0.71 -16.64 6.77
CA ARG A 224 -2.02 -16.00 6.70
C ARG A 224 -2.34 -15.46 5.30
N GLY A 225 -1.48 -15.67 4.31
CA GLY A 225 -1.74 -15.21 2.97
C GLY A 225 -1.39 -13.78 2.67
N HIS A 226 -0.68 -13.10 3.57
CA HIS A 226 -0.33 -11.70 3.37
C HIS A 226 0.97 -11.51 2.59
N PHE A 227 1.86 -12.49 2.63
CA PHE A 227 3.16 -12.39 1.98
C PHE A 227 3.35 -13.60 1.06
N ALA A 228 4.15 -13.40 0.00
CA ALA A 228 4.45 -14.51 -0.90
C ALA A 228 5.27 -15.58 -0.20
N SER A 229 6.20 -15.17 0.66
CA SER A 229 6.95 -16.09 1.51
C SER A 229 7.50 -15.28 2.69
N VAL A 230 8.39 -15.89 3.46
CA VAL A 230 9.03 -15.15 4.55
C VAL A 230 9.92 -14.05 3.99
N TRP A 231 10.46 -14.22 2.79
CA TRP A 231 11.37 -13.27 2.18
C TRP A 231 10.71 -12.34 1.17
N GLN A 232 9.82 -12.89 0.35
CA GLN A 232 9.22 -12.17 -0.77
C GLN A 232 7.90 -11.58 -0.27
N ARG A 233 7.89 -10.27 -0.06
CA ARG A 233 6.79 -9.62 0.65
C ARG A 233 6.25 -8.41 -0.10
N SER A 234 6.47 -8.33 -1.41
CA SER A 234 5.92 -7.27 -2.21
C SER A 234 4.39 -7.31 -2.19
N LEU A 235 3.80 -6.17 -2.57
CA LEU A 235 2.37 -5.91 -2.44
C LEU A 235 1.61 -6.09 -3.74
N TYR A 236 2.16 -5.61 -4.85
CA TYR A 236 1.51 -5.63 -6.16
C TYR A 236 2.19 -6.72 -6.98
N ASN A 237 1.53 -7.87 -7.12
CA ASN A 237 2.17 -9.03 -7.71
C ASN A 237 1.32 -9.62 -8.81
N VAL A 238 1.98 -10.38 -9.68
CA VAL A 238 1.35 -11.19 -10.71
C VAL A 238 1.75 -12.63 -10.45
N ASN A 239 0.78 -13.53 -10.51
CA ASN A 239 1.07 -14.90 -10.12
C ASN A 239 1.77 -15.65 -11.25
N GLY A 240 2.49 -16.70 -10.85
CA GLY A 240 3.16 -17.55 -11.81
C GLY A 240 4.49 -17.05 -12.30
N LEU A 241 5.13 -16.15 -11.57
CA LEU A 241 6.40 -15.58 -11.98
C LEU A 241 7.52 -16.22 -11.17
N LYS A 242 8.52 -16.75 -11.87
CA LYS A 242 9.65 -17.38 -11.21
C LYS A 242 10.19 -16.46 -10.12
N ALA A 243 10.38 -17.02 -8.93
CA ALA A 243 10.67 -16.25 -7.72
C ALA A 243 11.96 -16.77 -7.09
N GLN A 244 13.07 -16.10 -7.36
CA GLN A 244 14.33 -16.35 -6.68
C GLN A 244 15.03 -15.03 -6.45
N PRO A 245 15.81 -14.92 -5.36
CA PRO A 245 16.39 -13.60 -5.02
C PRO A 245 17.45 -13.13 -6.01
N TRP A 246 18.36 -14.00 -6.43
CA TRP A 246 19.47 -13.65 -7.29
C TRP A 246 19.33 -14.38 -8.62
N TRP A 247 19.66 -13.67 -9.70
CA TRP A 247 19.54 -14.21 -11.06
C TRP A 247 20.87 -14.05 -11.78
N THR A 248 21.14 -14.98 -12.71
CA THR A 248 22.22 -14.79 -13.66
C THR A 248 21.69 -14.08 -14.91
N PRO A 249 22.54 -13.36 -15.64
CA PRO A 249 22.08 -12.79 -16.91
C PRO A 249 21.45 -13.82 -17.81
N LYS A 250 21.99 -15.03 -17.81
CA LYS A 250 21.48 -16.10 -18.66
C LYS A 250 20.04 -16.44 -18.28
N GLU A 251 19.72 -16.38 -16.98
CA GLU A 251 18.39 -16.79 -16.54
C GLU A 251 17.32 -15.76 -16.87
N THR A 252 17.71 -14.49 -16.99
CA THR A 252 16.76 -13.45 -17.35
C THR A 252 16.52 -13.40 -18.86
N GLY A 253 17.45 -13.93 -19.65
CA GLY A 253 17.38 -13.82 -21.08
C GLY A 253 17.81 -12.49 -21.66
N TYR A 254 17.97 -11.46 -20.83
CA TYR A 254 18.35 -10.15 -21.34
C TYR A 254 19.87 -10.02 -21.45
N THR A 255 20.47 -10.94 -22.21
CA THR A 255 21.93 -10.98 -22.29
C THR A 255 22.49 -9.79 -23.08
N GLU A 256 21.76 -9.32 -24.10
CA GLU A 256 22.25 -8.19 -24.87
C GLU A 256 22.28 -6.92 -24.01
N LEU A 257 21.26 -6.72 -23.18
CA LEU A 257 21.25 -5.57 -22.26
C LEU A 257 22.43 -5.65 -21.29
N VAL A 258 22.62 -6.81 -20.65
CA VAL A 258 23.73 -6.97 -19.72
C VAL A 258 25.05 -6.70 -20.41
N LYS A 259 25.21 -7.20 -21.64
CA LYS A 259 26.45 -6.97 -22.37
C LYS A 259 26.66 -5.50 -22.65
N SER A 260 25.62 -4.80 -23.10
CA SER A 260 25.78 -3.38 -23.40
C SER A 260 26.19 -2.61 -22.15
N LEU A 261 25.60 -2.97 -21.01
CA LEU A 261 25.97 -2.29 -19.76
C LEU A 261 27.41 -2.58 -19.39
N GLU A 262 27.81 -3.86 -19.40
CA GLU A 262 29.14 -4.23 -18.94
C GLU A 262 30.22 -3.74 -19.88
N ARG A 263 29.96 -3.77 -21.18
CA ARG A 263 30.98 -3.42 -22.17
C ARG A 263 31.19 -1.92 -22.26
N ASN A 264 30.15 -1.13 -22.02
CA ASN A 264 30.22 0.32 -22.07
C ASN A 264 30.24 0.95 -20.68
N TRP A 265 30.73 0.21 -19.68
CA TRP A 265 30.51 0.64 -18.30
C TRP A 265 31.26 1.94 -17.99
N LYS A 266 32.50 2.07 -18.45
CA LYS A 266 33.25 3.29 -18.15
C LYS A 266 32.54 4.53 -18.70
N LEU A 267 31.88 4.39 -19.85
CA LEU A 267 31.08 5.48 -20.40
C LEU A 267 29.97 5.89 -19.44
N ILE A 268 29.23 4.90 -18.95
CA ILE A 268 28.12 5.13 -18.02
C ILE A 268 28.64 5.79 -16.75
N ARG A 269 29.73 5.25 -16.21
CA ARG A 269 30.40 5.86 -15.09
C ARG A 269 30.76 7.32 -15.36
N ASP A 270 31.40 7.59 -16.50
CA ASP A 270 31.94 8.92 -16.73
C ASP A 270 30.83 9.94 -16.85
N GLU A 271 29.72 9.58 -17.50
CA GLU A 271 28.60 10.52 -17.55
C GLU A 271 28.05 10.78 -16.14
N GLY A 272 27.91 9.72 -15.33
CA GLY A 272 27.43 9.94 -13.98
C GLY A 272 28.37 10.80 -13.14
N LEU A 273 29.67 10.51 -13.21
CA LEU A 273 30.67 11.29 -12.49
C LEU A 273 30.64 12.75 -12.93
N ALA A 274 30.42 12.97 -14.23
CA ALA A 274 30.29 14.35 -14.72
C ALA A 274 29.12 15.05 -14.08
N VAL A 275 27.98 14.35 -13.94
CA VAL A 275 26.83 15.02 -13.32
C VAL A 275 27.10 15.28 -11.84
N MET A 276 27.73 14.34 -11.14
CA MET A 276 28.15 14.61 -9.77
C MET A 276 28.99 15.87 -9.69
N ASP A 277 29.98 15.97 -10.59
CA ASP A 277 30.98 17.02 -10.52
C ASP A 277 30.39 18.38 -10.88
N LYS A 278 29.50 18.42 -11.87
CA LYS A 278 28.99 19.68 -12.40
C LYS A 278 27.55 19.97 -12.02
N ALA A 279 26.72 18.95 -11.88
CA ALA A 279 25.29 19.14 -11.58
C ALA A 279 24.89 18.31 -10.37
N LYS A 280 25.61 18.51 -9.25
CA LYS A 280 25.37 17.72 -8.05
C LYS A 280 23.91 17.79 -7.59
N GLY A 281 23.22 18.90 -7.87
CA GLY A 281 21.84 19.04 -7.45
C GLY A 281 20.89 18.06 -8.11
N LEU A 282 21.28 17.50 -9.26
CA LEU A 282 20.47 16.49 -9.93
C LEU A 282 20.48 15.15 -9.19
N PHE A 283 21.32 15.00 -8.18
CA PHE A 283 21.32 13.83 -7.31
C PHE A 283 20.43 14.13 -6.11
N LEU A 284 19.25 13.51 -6.07
CA LEU A 284 18.31 13.73 -4.97
C LEU A 284 18.50 12.66 -3.90
N PRO A 285 18.47 13.06 -2.63
CA PRO A 285 18.63 12.06 -1.55
C PRO A 285 17.50 11.05 -1.55
N GLU A 286 17.83 9.83 -1.18
CA GLU A 286 16.82 8.80 -0.99
C GLU A 286 16.10 9.03 0.34
N ASP A 287 14.98 8.32 0.51
CA ASP A 287 14.12 8.54 1.67
C ASP A 287 14.80 8.06 2.95
N GLU A 288 14.84 8.95 3.95
CA GLU A 288 15.53 8.64 5.19
C GLU A 288 14.85 7.53 5.99
N ASN A 289 13.58 7.25 5.67
CA ASN A 289 12.90 6.10 6.25
C ASN A 289 13.72 4.83 6.06
N LEU A 290 14.10 4.56 4.80
CA LEU A 290 14.93 3.41 4.49
C LEU A 290 16.33 3.54 5.07
N ARG A 291 16.81 4.73 5.26
CA ARG A 291 18.21 4.92 5.70
C ARG A 291 18.30 5.09 7.20
N GLU A 292 18.89 4.12 7.87
CA GLU A 292 19.25 4.25 9.27
C GLU A 292 20.16 5.46 9.48
N LYS A 293 21.19 5.56 8.63
CA LYS A 293 22.24 6.57 8.74
C LYS A 293 22.93 6.60 7.38
N GLY A 294 23.64 7.68 7.13
CA GLY A 294 24.53 7.74 5.99
C GLY A 294 24.14 8.82 5.00
N ASP A 295 24.71 8.70 3.80
CA ASP A 295 24.58 9.68 2.73
C ASP A 295 24.33 8.90 1.45
N TRP A 296 23.16 9.07 0.84
CA TRP A 296 22.67 8.16 -0.19
C TRP A 296 21.74 8.92 -1.12
N SER A 297 22.11 9.00 -2.41
CA SER A 297 21.37 9.80 -3.36
C SER A 297 21.24 9.08 -4.70
N GLN A 298 20.38 9.61 -5.58
CA GLN A 298 20.16 8.98 -6.87
C GLN A 298 19.83 10.02 -7.94
N PHE A 299 20.19 9.68 -9.17
CA PHE A 299 19.97 10.52 -10.35
C PHE A 299 19.20 9.68 -11.37
N THR A 300 17.94 10.03 -11.58
CA THR A 300 16.99 9.18 -12.30
C THR A 300 16.88 9.60 -13.77
N LEU A 301 17.07 8.62 -14.65
CA LEU A 301 16.96 8.81 -16.08
C LEU A 301 15.61 8.36 -16.63
N TRP A 302 15.08 7.24 -16.14
CA TRP A 302 13.76 6.76 -16.51
C TRP A 302 12.99 6.45 -15.24
N GLN A 303 11.73 6.87 -15.21
CA GLN A 303 10.83 6.60 -14.10
C GLN A 303 9.56 5.99 -14.69
N GLN A 304 9.31 4.74 -14.38
CA GLN A 304 8.07 4.04 -14.77
C GLN A 304 7.79 4.16 -16.26
N GLY A 305 8.79 3.89 -17.07
CA GLY A 305 8.65 3.95 -18.52
C GLY A 305 8.58 5.33 -19.10
N ARG A 306 8.75 6.38 -18.30
CA ARG A 306 8.76 7.75 -18.77
C ARG A 306 10.18 8.28 -18.71
N ARG A 307 10.73 8.66 -19.87
CA ARG A 307 12.08 9.20 -19.93
C ARG A 307 12.10 10.60 -19.32
N ASN A 308 13.11 10.85 -18.49
CA ASN A 308 13.33 12.17 -17.90
C ASN A 308 14.25 12.94 -18.84
N GLU A 309 13.65 13.76 -19.71
CA GLU A 309 14.39 14.38 -20.80
C GLU A 309 15.47 15.31 -20.28
N ASN A 310 15.17 16.06 -19.22
CA ASN A 310 16.18 16.96 -18.66
C ASN A 310 17.32 16.19 -18.02
N ALA A 311 17.07 14.96 -17.58
CA ALA A 311 18.14 14.12 -17.05
C ALA A 311 19.00 13.55 -18.17
N CYS A 312 18.37 13.07 -19.23
CA CYS A 312 19.09 12.47 -20.34
C CYS A 312 19.93 13.50 -21.11
N LYS A 313 19.67 14.79 -20.91
N LYS A 313 19.70 14.79 -20.90
CA LYS A 313 20.60 15.81 -21.38
CA LYS A 313 20.64 15.78 -21.42
C LYS A 313 21.93 15.71 -20.66
C LYS A 313 21.95 15.75 -20.65
N GLY A 314 21.90 15.43 -19.36
CA GLY A 314 23.11 15.30 -18.57
C GLY A 314 23.85 13.99 -18.76
N ALA A 315 23.16 12.94 -19.20
CA ALA A 315 23.77 11.64 -19.48
C ALA A 315 23.30 11.18 -20.86
N PRO A 316 23.72 11.88 -21.91
CA PRO A 316 23.12 11.64 -23.24
C PRO A 316 23.52 10.33 -23.89
N LYS A 317 24.79 9.90 -23.73
CA LYS A 317 25.20 8.66 -24.37
C LYS A 317 24.59 7.45 -23.67
N THR A 318 24.49 7.51 -22.34
CA THR A 318 23.87 6.42 -21.59
C THR A 318 22.40 6.27 -21.96
N CYS A 319 21.70 7.39 -22.11
CA CYS A 319 20.31 7.32 -22.55
C CYS A 319 20.21 6.77 -23.96
N THR A 320 21.07 7.26 -24.86
CA THR A 320 21.09 6.71 -26.21
C THR A 320 21.32 5.20 -26.20
N LEU A 321 22.18 4.74 -25.30
CA LEU A 321 22.43 3.31 -25.17
C LEU A 321 21.16 2.58 -24.74
N LEU A 322 20.56 3.03 -23.63
CA LEU A 322 19.43 2.33 -23.05
C LEU A 322 18.25 2.27 -24.01
N GLU A 323 18.08 3.27 -24.87
CA GLU A 323 16.94 3.25 -25.78
C GLU A 323 16.84 1.92 -26.53
N LYS A 324 17.97 1.26 -26.79
CA LYS A 324 17.97 0.02 -27.53
C LYS A 324 17.30 -1.14 -26.80
N PHE A 325 16.83 -0.95 -25.57
CA PHE A 325 16.34 -2.05 -24.73
C PHE A 325 15.01 -1.66 -24.10
N PRO A 326 13.90 -1.83 -24.81
CA PRO A 326 12.61 -1.47 -24.24
C PRO A 326 12.21 -2.35 -23.06
N GLU A 327 12.93 -3.46 -22.84
CA GLU A 327 12.67 -4.29 -21.67
C GLU A 327 12.96 -3.54 -20.37
N THR A 328 13.79 -2.49 -20.42
CA THR A 328 14.05 -1.66 -19.26
C THR A 328 13.46 -0.26 -19.36
N THR A 329 13.58 0.40 -20.52
CA THR A 329 13.05 1.75 -20.66
C THR A 329 11.52 1.76 -20.69
N GLY A 330 10.90 0.63 -20.99
CA GLY A 330 9.46 0.51 -20.99
C GLY A 330 8.91 -0.22 -19.77
N CYS A 331 9.74 -0.50 -18.79
CA CYS A 331 9.29 -1.16 -17.56
C CYS A 331 8.57 -0.12 -16.72
N ARG A 332 7.24 -0.13 -16.77
CA ARG A 332 6.44 0.88 -16.05
C ARG A 332 6.37 0.61 -14.56
N ARG A 333 6.98 -0.48 -14.08
CA ARG A 333 7.11 -0.76 -12.66
C ARG A 333 8.55 -0.72 -12.20
N GLY A 334 9.42 -0.04 -12.95
CA GLY A 334 10.81 0.04 -12.60
C GLY A 334 11.42 1.41 -12.82
N GLN A 335 12.74 1.50 -12.64
CA GLN A 335 13.45 2.74 -12.86
C GLN A 335 14.79 2.46 -13.52
N ILE A 336 15.41 3.52 -14.01
CA ILE A 336 16.81 3.53 -14.42
C ILE A 336 17.43 4.73 -13.71
N LYS A 337 18.46 4.50 -12.90
CA LYS A 337 19.01 5.61 -12.13
C LYS A 337 20.40 5.30 -11.62
N TYR A 338 21.21 6.34 -11.49
CA TYR A 338 22.46 6.25 -10.76
C TYR A 338 22.16 6.31 -9.26
N SER A 339 22.95 5.57 -8.47
CA SER A 339 22.78 5.54 -7.02
C SER A 339 24.15 5.63 -6.36
N ILE A 340 24.34 6.65 -5.54
CA ILE A 340 25.61 6.88 -4.87
C ILE A 340 25.38 6.75 -3.37
N MET A 341 26.25 5.99 -2.70
CA MET A 341 26.19 5.74 -1.28
C MET A 341 27.55 6.03 -0.69
N HIS A 342 27.60 6.86 0.32
CA HIS A 342 28.86 7.26 0.93
C HIS A 342 29.11 6.42 2.18
N PRO A 343 30.33 6.47 2.71
CA PRO A 343 30.66 5.58 3.83
C PRO A 343 29.79 5.84 5.04
N GLY A 344 29.67 4.81 5.87
CA GLY A 344 28.85 4.88 7.05
C GLY A 344 27.35 4.82 6.80
N THR A 345 26.93 4.21 5.70
CA THR A 345 25.52 4.15 5.34
C THR A 345 24.97 2.76 5.60
N HIS A 346 23.76 2.70 6.15
CA HIS A 346 23.06 1.44 6.33
C HIS A 346 21.63 1.62 5.87
N VAL A 347 21.21 0.82 4.89
CA VAL A 347 19.85 0.84 4.39
C VAL A 347 19.09 -0.29 5.05
N TRP A 348 18.02 0.06 5.77
CA TRP A 348 17.21 -0.91 6.49
C TRP A 348 16.75 -2.03 5.58
N PRO A 349 16.60 -3.26 6.08
CA PRO A 349 16.01 -4.32 5.23
C PRO A 349 14.66 -3.87 4.70
N ALA A 350 14.42 -4.17 3.43
CA ALA A 350 13.19 -3.74 2.81
C ALA A 350 12.91 -4.56 1.56
N THR A 351 11.77 -4.28 0.96
CA THR A 351 11.18 -5.01 -0.15
C THR A 351 10.67 -3.98 -1.15
N GLY A 352 10.79 -4.30 -2.43
CA GLY A 352 10.20 -3.46 -3.45
C GLY A 352 8.71 -3.67 -3.54
N PRO A 353 8.05 -2.77 -4.27
CA PRO A 353 6.57 -2.82 -4.30
C PRO A 353 6.00 -3.94 -5.16
N THR A 354 6.75 -4.46 -6.13
CA THR A 354 6.19 -5.43 -7.06
C THR A 354 7.17 -6.57 -7.31
N ASN A 355 6.63 -7.69 -7.75
CA ASN A 355 7.41 -8.84 -8.22
C ASN A 355 7.49 -8.91 -9.74
N CYS A 356 6.98 -7.88 -10.43
CA CYS A 356 6.94 -7.83 -11.88
C CYS A 356 8.21 -7.27 -12.50
N ARG A 357 9.21 -6.95 -11.69
CA ARG A 357 10.46 -6.42 -12.20
C ARG A 357 11.62 -7.17 -11.57
N LEU A 358 12.72 -7.18 -12.30
CA LEU A 358 14.02 -7.57 -11.77
C LEU A 358 14.91 -6.33 -11.78
N ARG A 359 15.84 -6.27 -10.84
CA ARG A 359 16.67 -5.09 -10.67
C ARG A 359 18.11 -5.47 -10.98
N MET A 360 18.70 -4.76 -11.95
CA MET A 360 20.10 -4.89 -12.30
C MET A 360 20.89 -3.78 -11.62
N HIS A 361 22.07 -4.14 -11.11
CA HIS A 361 23.02 -3.20 -10.54
C HIS A 361 24.31 -3.29 -11.33
N LEU A 362 24.69 -2.22 -12.01
CA LEU A 362 25.98 -2.12 -12.68
C LEU A 362 26.93 -1.36 -11.75
N GLY A 363 28.04 -1.98 -11.39
CA GLY A 363 28.99 -1.32 -10.51
C GLY A 363 29.88 -0.36 -11.26
N LEU A 364 29.86 0.91 -10.87
CA LEU A 364 30.61 1.97 -11.54
C LEU A 364 31.86 2.39 -10.78
N VAL A 365 31.73 2.70 -9.50
CA VAL A 365 32.87 2.97 -8.62
C VAL A 365 32.64 2.15 -7.35
N ILE A 366 33.46 1.12 -7.14
CA ILE A 366 33.23 0.22 -6.02
C ILE A 366 34.48 0.11 -5.16
N PRO A 367 34.50 0.72 -3.98
CA PRO A 367 35.69 0.60 -3.12
C PRO A 367 36.01 -0.87 -2.82
N LYS A 368 37.30 -1.11 -2.53
CA LYS A 368 37.79 -2.48 -2.47
C LYS A 368 37.17 -3.28 -1.34
N GLU A 369 36.74 -2.62 -0.27
CA GLU A 369 36.05 -3.33 0.81
C GLU A 369 34.90 -2.47 1.34
N GLY A 370 34.06 -3.09 2.18
CA GLY A 370 33.10 -2.38 2.98
C GLY A 370 31.72 -2.24 2.39
N CYS A 371 31.55 -2.49 1.10
CA CYS A 371 30.26 -2.38 0.44
C CYS A 371 29.68 -3.78 0.26
N LYS A 372 28.46 -3.99 0.73
CA LYS A 372 27.85 -5.30 0.51
C LYS A 372 26.33 -5.18 0.49
N ILE A 373 25.70 -6.14 -0.19
CA ILE A 373 24.25 -6.13 -0.36
C ILE A 373 23.74 -7.55 -0.17
N ARG A 374 22.80 -7.72 0.75
CA ARG A 374 22.14 -8.99 0.99
C ARG A 374 20.77 -9.00 0.34
N CYS A 375 20.42 -10.13 -0.27
CA CYS A 375 19.07 -10.42 -0.71
C CYS A 375 18.71 -11.81 -0.19
N ALA A 376 17.58 -11.90 0.51
CA ALA A 376 17.21 -13.14 1.19
C ALA A 376 18.40 -13.54 2.07
N ASN A 377 18.92 -14.77 1.96
CA ASN A 377 20.00 -15.22 2.82
C ASN A 377 21.36 -15.10 2.17
N GLU A 378 21.46 -14.52 0.97
CA GLU A 378 22.75 -14.42 0.28
C GLU A 378 23.23 -12.98 0.25
N THR A 379 24.45 -12.77 0.73
CA THR A 379 25.09 -11.46 0.69
C THR A 379 26.19 -11.48 -0.37
N LYS A 380 26.17 -10.48 -1.25
CA LYS A 380 27.07 -10.41 -2.37
C LYS A 380 27.72 -9.03 -2.41
N THR A 381 28.62 -8.85 -3.38
CA THR A 381 29.32 -7.58 -3.57
C THR A 381 29.29 -7.19 -5.04
N TRP A 382 29.42 -5.89 -5.25
CA TRP A 382 29.51 -5.33 -6.59
C TRP A 382 30.94 -5.44 -7.11
N GLU A 383 31.06 -5.43 -8.44
CA GLU A 383 32.33 -5.43 -9.14
C GLU A 383 32.29 -4.35 -10.19
N GLU A 384 33.37 -3.61 -10.34
CA GLU A 384 33.38 -2.50 -11.30
C GLU A 384 33.23 -3.05 -12.72
N GLY A 385 32.17 -2.61 -13.39
CA GLY A 385 31.89 -3.05 -14.74
C GLY A 385 31.13 -4.34 -14.86
N LYS A 386 30.65 -4.89 -13.74
CA LYS A 386 29.93 -6.15 -13.73
C LYS A 386 28.52 -5.92 -13.16
N VAL A 387 27.60 -6.78 -13.56
CA VAL A 387 26.19 -6.63 -13.26
C VAL A 387 25.77 -7.68 -12.24
N LEU A 388 25.01 -7.24 -11.25
CA LEU A 388 24.26 -8.11 -10.35
C LEU A 388 22.78 -8.03 -10.73
N ILE A 389 22.05 -9.13 -10.54
CA ILE A 389 20.62 -9.13 -10.80
C ILE A 389 19.92 -9.74 -9.60
N PHE A 390 18.98 -8.99 -9.00
CA PHE A 390 18.16 -9.59 -7.96
C PHE A 390 16.71 -9.17 -8.12
N ASP A 391 15.82 -10.00 -7.56
CA ASP A 391 14.40 -9.69 -7.48
C ASP A 391 14.20 -8.89 -6.19
N ASP A 392 14.01 -7.59 -6.34
CA ASP A 392 13.94 -6.76 -5.14
C ASP A 392 12.57 -6.81 -4.49
N SER A 393 11.69 -7.71 -4.94
CA SER A 393 10.54 -8.12 -4.15
C SER A 393 10.94 -9.04 -3.00
N PHE A 394 12.16 -9.56 -3.02
CA PHE A 394 12.74 -10.26 -1.88
C PHE A 394 13.42 -9.23 -0.98
N GLU A 395 13.25 -9.41 0.34
CA GLU A 395 13.89 -8.50 1.28
C GLU A 395 15.37 -8.38 0.96
N HIS A 396 15.89 -7.15 1.02
CA HIS A 396 17.30 -6.90 0.78
C HIS A 396 17.77 -5.77 1.70
N GLU A 397 19.07 -5.77 1.96
CA GLU A 397 19.70 -4.85 2.91
C GLU A 397 21.04 -4.44 2.34
N VAL A 398 21.44 -3.19 2.57
CA VAL A 398 22.67 -2.67 1.98
C VAL A 398 23.52 -1.99 3.05
N TRP A 399 24.82 -2.23 2.98
CA TRP A 399 25.78 -1.60 3.87
C TRP A 399 26.89 -0.93 3.07
N GLN A 400 27.29 0.27 3.51
CA GLN A 400 28.42 1.01 2.97
C GLN A 400 29.31 1.38 4.17
N ASP A 401 30.41 0.66 4.34
CA ASP A 401 31.40 1.03 5.34
C ASP A 401 32.80 0.97 4.75
N ALA A 402 32.98 1.63 3.62
CA ALA A 402 34.28 1.76 2.99
C ALA A 402 34.91 3.09 3.41
N SER A 403 35.99 3.47 2.74
N SER A 403 36.03 3.43 2.77
CA SER A 403 36.64 4.75 2.99
CA SER A 403 36.68 4.72 2.97
C SER A 403 36.41 5.74 1.86
C SER A 403 36.42 5.68 1.81
N SER A 404 35.73 5.33 0.78
N SER A 404 35.67 5.25 0.79
CA SER A 404 35.42 6.19 -0.34
CA SER A 404 35.43 6.05 -0.40
C SER A 404 33.96 5.98 -0.74
C SER A 404 33.96 5.91 -0.79
N PHE A 405 33.53 6.71 -1.76
CA PHE A 405 32.14 6.66 -2.21
C PHE A 405 31.91 5.48 -3.14
N ARG A 406 30.68 4.96 -3.12
CA ARG A 406 30.26 3.83 -3.95
C ARG A 406 29.20 4.31 -4.93
N LEU A 407 29.45 4.10 -6.21
CA LEU A 407 28.56 4.51 -7.28
C LEU A 407 28.13 3.29 -8.08
N ILE A 408 26.81 3.09 -8.22
CA ILE A 408 26.29 2.03 -9.06
C ILE A 408 25.24 2.59 -10.01
N PHE A 409 24.92 1.81 -11.03
CA PHE A 409 23.88 2.11 -12.00
C PHE A 409 22.78 1.06 -11.90
N ILE A 410 21.55 1.53 -11.68
CA ILE A 410 20.40 0.70 -11.35
C ILE A 410 19.49 0.64 -12.57
N VAL A 411 19.29 -0.55 -13.12
CA VAL A 411 18.51 -0.75 -14.33
C VAL A 411 17.44 -1.79 -14.05
N ASP A 412 16.17 -1.38 -14.14
CA ASP A 412 15.05 -2.30 -13.90
C ASP A 412 14.53 -2.86 -15.20
N VAL A 413 14.21 -4.16 -15.19
CA VAL A 413 13.64 -4.85 -16.34
C VAL A 413 12.35 -5.53 -15.92
N TRP A 414 11.41 -5.61 -16.85
CA TRP A 414 10.26 -6.48 -16.68
C TRP A 414 10.72 -7.88 -16.28
N HIS A 415 10.00 -8.50 -15.36
CA HIS A 415 10.23 -9.92 -15.11
C HIS A 415 10.14 -10.66 -16.43
N PRO A 416 11.12 -11.52 -16.76
CA PRO A 416 11.17 -12.08 -18.12
C PRO A 416 10.03 -13.04 -18.46
N GLU A 417 9.28 -13.52 -17.47
CA GLU A 417 8.17 -14.44 -17.71
C GLU A 417 6.85 -13.73 -17.96
N LEU A 418 6.78 -12.41 -17.77
CA LEU A 418 5.59 -11.67 -18.16
C LEU A 418 5.46 -11.67 -19.69
N THR A 419 4.26 -11.89 -20.17
CA THR A 419 4.03 -11.89 -21.61
C THR A 419 3.97 -10.46 -22.14
N PRO A 420 4.20 -10.28 -23.44
CA PRO A 420 4.06 -8.92 -24.01
C PRO A 420 2.74 -8.24 -23.63
N GLN A 421 1.62 -8.94 -23.77
CA GLN A 421 0.33 -8.39 -23.40
C GLN A 421 0.30 -8.02 -21.92
N GLN A 422 0.88 -8.88 -21.07
CA GLN A 422 0.97 -8.58 -19.65
C GLN A 422 1.74 -7.29 -19.39
N ARG A 423 2.85 -7.09 -20.10
CA ARG A 423 3.63 -5.87 -19.93
C ARG A 423 2.87 -4.64 -20.42
N ARG A 424 2.02 -4.80 -21.45
CA ARG A 424 1.26 -3.66 -21.93
C ARG A 424 0.09 -3.31 -21.01
N SER A 425 -0.49 -4.31 -20.33
CA SER A 425 -1.72 -4.10 -19.58
C SER A 425 -1.51 -3.92 -18.09
N LEU A 426 -0.28 -3.99 -17.61
CA LEU A 426 0.00 -3.89 -16.18
C LEU A 426 0.06 -2.43 -15.76
N PRO A 427 -0.92 -1.94 -14.98
CA PRO A 427 -0.90 -0.52 -14.59
C PRO A 427 0.33 -0.20 -13.76
N ALA A 428 1.04 0.85 -14.16
CA ALA A 428 2.15 1.34 -13.36
C ALA A 428 1.68 1.63 -11.93
N ILE A 429 2.64 1.79 -11.03
CA ILE A 429 2.28 1.99 -9.64
C ILE A 429 2.84 3.28 -9.03
#